data_4I1A
#
_entry.id   4I1A
#
_cell.length_a   132.897
_cell.length_b   141.209
_cell.length_c   50.532
_cell.angle_alpha   90.000
_cell.angle_beta   90.000
_cell.angle_gamma   90.000
#
_symmetry.space_group_name_H-M   'P 21 21 2'
#
loop_
_entity.id
_entity.type
_entity.pdbx_description
1 polymer 'Response regulator aspartate phosphatase I'
2 non-polymer 'CHLORIDE ION'
3 water water
#
_entity_poly.entity_id   1
_entity_poly.type   'polypeptide(L)'
_entity_poly.pdbx_seq_one_letter_code
;MRGVFLDKDKIPYDLVTKKLNEWYTSIKNDQVEQAEIIKTEVEKELLNMEENQDALLYYQLLEFRHEIMLSYMKSKEIED
LNNAYETIKEIEKQGQLTGMLEYYFYFFKGMYEFRRKELISAISAYRIAESKLSEVEDEIEKAEFFFKVSYVYYYMKQTY
FSMNYANRALKIFREYEEYAVQTVRCQFIVAGNLIDSLEYERALEQFLKSLEISKESNIEHLIAMSHMNIGICYDELKEY
KKASQHLILALEIFEKSKHSFLTKTLFTLTYVEAKQQNYNVALIYFRKGRFIADKSDDKEYSAKFKILEGLFFSDGETQL
IKNAFSYLASRKMFADVENFSIEVADYFHEQGNLMLSNEYYRMSIEARRKIKKGEIIDENQPDSIGSSDFK
;
_entity_poly.pdbx_strand_id   A,B
#
# COMPACT_ATOMS: atom_id res chain seq x y z
N LEU A 101 -23.22 -6.14 25.81
CA LEU A 101 -24.36 -6.11 24.89
C LEU A 101 -24.13 -5.10 23.78
N GLU A 102 -23.48 -3.98 24.11
CA GLU A 102 -23.22 -2.91 23.16
C GLU A 102 -22.15 -3.28 22.14
N TYR A 103 -21.06 -3.87 22.63
CA TYR A 103 -20.02 -4.40 21.75
C TYR A 103 -20.61 -5.43 20.81
N TYR A 104 -21.45 -6.30 21.35
CA TYR A 104 -22.11 -7.34 20.57
C TYR A 104 -22.87 -6.75 19.38
N PHE A 105 -23.59 -5.66 19.62
CA PHE A 105 -24.35 -5.05 18.54
C PHE A 105 -23.44 -4.57 17.42
N TYR A 106 -22.44 -3.76 17.77
CA TYR A 106 -21.48 -3.27 16.78
C TYR A 106 -20.73 -4.41 16.12
N PHE A 107 -20.46 -5.48 16.87
CA PHE A 107 -19.77 -6.65 16.34
C PHE A 107 -20.63 -7.31 15.27
N PHE A 108 -21.84 -7.70 15.66
CA PHE A 108 -22.76 -8.37 14.74
C PHE A 108 -22.99 -7.52 13.49
N LYS A 109 -23.17 -6.21 13.70
CA LYS A 109 -23.34 -5.25 12.61
C LYS A 109 -22.18 -5.32 11.59
N GLY A 110 -20.95 -5.46 12.10
CA GLY A 110 -19.79 -5.57 11.26
C GLY A 110 -19.81 -6.81 10.38
N MET A 111 -20.13 -7.93 11.00
CA MET A 111 -20.30 -9.19 10.28
C MET A 111 -21.44 -9.06 9.30
N TYR A 112 -22.46 -8.30 9.71
CA TYR A 112 -23.63 -8.03 8.91
C TYR A 112 -23.25 -7.29 7.63
N GLU A 113 -22.53 -6.18 7.78
CA GLU A 113 -22.13 -5.38 6.64
C GLU A 113 -21.13 -6.12 5.75
N PHE A 114 -20.35 -7.01 6.34
CA PHE A 114 -19.41 -7.79 5.56
C PHE A 114 -20.17 -8.75 4.66
N ARG A 115 -21.28 -9.29 5.17
CA ARG A 115 -22.14 -10.18 4.42
C ARG A 115 -22.65 -9.51 3.14
N ARG A 116 -23.16 -8.29 3.27
CA ARG A 116 -23.60 -7.53 2.12
C ARG A 116 -22.43 -6.83 1.43
N LYS A 117 -21.22 -7.15 1.89
CA LYS A 117 -19.98 -6.68 1.28
C LYS A 117 -19.82 -5.16 1.27
N GLU A 118 -20.46 -4.49 2.22
CA GLU A 118 -20.17 -3.09 2.49
C GLU A 118 -18.93 -3.03 3.39
N LEU A 119 -17.76 -3.10 2.78
CA LEU A 119 -16.51 -3.30 3.50
C LEU A 119 -16.12 -2.14 4.41
N ILE A 120 -16.37 -0.92 3.94
CA ILE A 120 -16.09 0.28 4.72
C ILE A 120 -16.93 0.27 6.00
N SER A 121 -18.21 -0.08 5.87
CA SER A 121 -19.13 -0.06 7.01
C SER A 121 -18.71 -1.10 8.03
N ALA A 122 -18.34 -2.28 7.53
CA ALA A 122 -17.96 -3.39 8.38
C ALA A 122 -16.77 -3.01 9.25
N ILE A 123 -15.71 -2.53 8.62
CA ILE A 123 -14.52 -2.16 9.36
C ILE A 123 -14.80 -0.96 10.27
N SER A 124 -15.68 -0.08 9.82
CA SER A 124 -16.10 1.06 10.63
C SER A 124 -16.76 0.59 11.92
N ALA A 125 -17.67 -0.37 11.78
CA ALA A 125 -18.40 -0.91 12.92
C ALA A 125 -17.48 -1.69 13.85
N TYR A 126 -16.59 -2.48 13.26
CA TYR A 126 -15.57 -3.19 14.00
C TYR A 126 -14.68 -2.22 14.80
N ARG A 127 -14.39 -1.06 14.23
CA ARG A 127 -13.48 -0.11 14.87
C ARG A 127 -14.02 0.39 16.21
N ILE A 128 -15.34 0.48 16.33
CA ILE A 128 -15.93 0.90 17.60
C ILE A 128 -16.20 -0.29 18.52
N ALA A 129 -16.51 -1.44 17.92
CA ALA A 129 -16.66 -2.67 18.68
C ALA A 129 -15.37 -2.97 19.43
N GLU A 130 -14.24 -2.69 18.77
CA GLU A 130 -12.93 -2.89 19.36
C GLU A 130 -12.70 -1.91 20.51
N SER A 131 -13.31 -0.72 20.42
CA SER A 131 -13.19 0.25 21.50
C SER A 131 -14.06 -0.15 22.69
N LYS A 132 -15.22 -0.72 22.40
CA LYS A 132 -16.14 -1.18 23.45
C LYS A 132 -15.81 -2.62 23.84
N LEU A 133 -14.66 -3.10 23.37
CA LEU A 133 -14.14 -4.41 23.75
C LEU A 133 -13.40 -4.27 25.08
N SER A 134 -13.37 -3.04 25.60
CA SER A 134 -12.75 -2.77 26.89
C SER A 134 -13.44 -3.62 27.96
N GLU A 135 -14.74 -3.80 27.80
CA GLU A 135 -15.54 -4.61 28.70
C GLU A 135 -15.78 -5.99 28.13
N VAL A 136 -14.69 -6.70 27.83
CA VAL A 136 -14.79 -8.06 27.31
C VAL A 136 -14.36 -9.07 28.36
N GLU A 137 -15.02 -10.22 28.38
CA GLU A 137 -14.77 -11.22 29.40
C GLU A 137 -13.77 -12.26 28.91
N ASP A 138 -14.29 -13.28 28.24
CA ASP A 138 -13.48 -14.42 27.82
C ASP A 138 -12.41 -14.02 26.81
N GLU A 139 -11.28 -14.72 26.88
CA GLU A 139 -10.17 -14.48 25.98
C GLU A 139 -10.57 -14.88 24.56
N ILE A 140 -11.54 -15.78 24.45
CA ILE A 140 -11.91 -16.34 23.15
C ILE A 140 -13.05 -15.61 22.43
N GLU A 141 -13.77 -14.74 23.13
CA GLU A 141 -14.71 -13.86 22.43
C GLU A 141 -13.94 -12.72 21.78
N LYS A 142 -12.82 -12.34 22.41
CA LYS A 142 -11.85 -11.42 21.80
C LYS A 142 -11.23 -12.07 20.58
N ALA A 143 -10.81 -13.31 20.74
CA ALA A 143 -10.16 -14.04 19.65
C ALA A 143 -11.12 -14.15 18.48
N GLU A 144 -12.38 -14.50 18.76
CA GLU A 144 -13.41 -14.56 17.73
C GLU A 144 -13.53 -13.21 17.02
N PHE A 145 -13.45 -12.12 17.80
CA PHE A 145 -13.52 -10.77 17.24
C PHE A 145 -12.32 -10.42 16.35
N PHE A 146 -11.12 -10.71 16.84
CA PHE A 146 -9.91 -10.46 16.07
C PHE A 146 -9.89 -11.23 14.74
N PHE A 147 -10.37 -12.48 14.79
CA PHE A 147 -10.41 -13.30 13.59
C PHE A 147 -11.25 -12.63 12.50
N LYS A 148 -12.45 -12.20 12.87
CA LYS A 148 -13.34 -11.53 11.92
C LYS A 148 -12.70 -10.27 11.33
N VAL A 149 -12.06 -9.48 12.18
CA VAL A 149 -11.39 -8.26 11.73
C VAL A 149 -10.27 -8.56 10.74
N SER A 150 -9.45 -9.58 11.05
CA SER A 150 -8.37 -9.96 10.14
C SER A 150 -8.93 -10.35 8.80
N TYR A 151 -10.10 -10.98 8.83
CA TYR A 151 -10.73 -11.49 7.62
C TYR A 151 -11.21 -10.38 6.67
N VAL A 152 -11.90 -9.37 7.20
CA VAL A 152 -12.33 -8.27 6.34
C VAL A 152 -11.09 -7.56 5.77
N TYR A 153 -10.08 -7.37 6.61
CA TYR A 153 -8.81 -6.79 6.18
C TYR A 153 -8.14 -7.62 5.09
N TYR A 154 -8.19 -8.96 5.24
CA TYR A 154 -7.68 -9.86 4.22
C TYR A 154 -8.46 -9.73 2.91
N TYR A 155 -9.74 -9.42 3.00
CA TYR A 155 -10.56 -9.26 1.81
C TYR A 155 -10.14 -7.99 1.05
N MET A 156 -9.79 -6.95 1.79
CA MET A 156 -9.40 -5.68 1.17
C MET A 156 -7.90 -5.63 0.93
N LYS A 157 -7.24 -6.78 1.09
CA LYS A 157 -5.81 -6.90 0.86
C LYS A 157 -5.01 -5.87 1.64
N GLN A 158 -5.54 -5.49 2.81
CA GLN A 158 -4.79 -4.71 3.78
C GLN A 158 -3.90 -5.67 4.56
N THR A 159 -2.86 -6.15 3.88
CA THR A 159 -2.00 -7.22 4.35
C THR A 159 -1.44 -6.99 5.74
N TYR A 160 -1.00 -5.76 6.01
CA TYR A 160 -0.41 -5.45 7.30
C TYR A 160 -1.42 -5.60 8.45
N PHE A 161 -2.61 -5.02 8.27
CA PHE A 161 -3.66 -5.07 9.30
C PHE A 161 -4.19 -6.48 9.51
N SER A 162 -4.41 -7.20 8.42
CA SER A 162 -4.96 -8.54 8.48
C SER A 162 -4.05 -9.45 9.28
N MET A 163 -2.76 -9.45 8.94
CA MET A 163 -1.81 -10.32 9.60
C MET A 163 -1.62 -9.96 11.06
N ASN A 164 -1.81 -8.69 11.40
CA ASN A 164 -1.73 -8.26 12.79
C ASN A 164 -2.90 -8.84 13.59
N TYR A 165 -4.11 -8.66 13.07
CA TYR A 165 -5.30 -9.13 13.78
C TYR A 165 -5.39 -10.65 13.79
N ALA A 166 -4.81 -11.28 12.77
CA ALA A 166 -4.81 -12.75 12.68
C ALA A 166 -3.91 -13.33 13.76
N ASN A 167 -2.69 -12.81 13.85
CA ASN A 167 -1.75 -13.27 14.86
C ASN A 167 -2.26 -13.13 16.29
N ARG A 168 -2.94 -12.01 16.58
CA ARG A 168 -3.48 -11.77 17.92
C ARG A 168 -4.52 -12.83 18.27
N ALA A 169 -5.37 -13.18 17.30
CA ALA A 169 -6.33 -14.26 17.47
C ALA A 169 -5.64 -15.60 17.58
N LEU A 170 -4.65 -15.82 16.71
CA LEU A 170 -3.87 -17.05 16.70
C LEU A 170 -3.17 -17.32 18.03
N LYS A 171 -2.41 -16.35 18.54
CA LYS A 171 -1.65 -16.53 19.79
C LYS A 171 -2.54 -16.92 20.98
N ILE A 172 -3.84 -16.67 20.86
CA ILE A 172 -4.80 -17.04 21.89
C ILE A 172 -5.42 -18.40 21.59
N PHE A 173 -5.89 -18.59 20.36
CA PHE A 173 -6.54 -19.84 19.94
C PHE A 173 -5.68 -21.10 20.15
N ARG A 174 -4.36 -20.96 19.94
CA ARG A 174 -3.41 -22.07 20.09
C ARG A 174 -3.56 -22.82 21.42
N GLU A 175 -3.70 -22.06 22.51
CA GLU A 175 -3.79 -22.61 23.85
C GLU A 175 -5.01 -23.52 24.03
N TYR A 176 -6.19 -22.92 24.00
CA TYR A 176 -7.45 -23.65 24.10
C TYR A 176 -7.53 -24.79 23.09
N GLU A 177 -7.14 -25.99 23.54
CA GLU A 177 -7.06 -27.16 22.67
C GLU A 177 -8.39 -27.62 22.08
N GLU A 178 -9.49 -26.99 22.51
CA GLU A 178 -10.81 -27.29 21.96
C GLU A 178 -11.05 -26.50 20.69
N TYR A 179 -10.12 -25.62 20.35
CA TYR A 179 -10.35 -24.70 19.23
C TYR A 179 -9.41 -24.89 18.03
N ALA A 180 -8.99 -26.15 17.80
CA ALA A 180 -8.15 -26.51 16.67
C ALA A 180 -8.59 -25.85 15.33
N VAL A 181 -9.87 -25.98 15.01
CA VAL A 181 -10.44 -25.39 13.80
C VAL A 181 -10.15 -23.90 13.68
N GLN A 182 -10.39 -23.15 14.75
CA GLN A 182 -10.15 -21.72 14.75
C GLN A 182 -8.65 -21.42 14.58
N THR A 183 -7.84 -22.26 15.22
CA THR A 183 -6.38 -22.14 15.13
C THR A 183 -5.90 -22.32 13.69
N VAL A 184 -6.35 -23.40 13.05
CA VAL A 184 -6.00 -23.67 11.66
C VAL A 184 -6.41 -22.52 10.74
N ARG A 185 -7.65 -22.04 10.92
CA ARG A 185 -8.16 -20.96 10.09
C ARG A 185 -7.36 -19.66 10.25
N CYS A 186 -7.00 -19.33 11.50
CA CYS A 186 -6.15 -18.16 11.77
C CYS A 186 -4.83 -18.27 11.02
N GLN A 187 -4.22 -19.45 11.11
CA GLN A 187 -3.01 -19.76 10.35
C GLN A 187 -3.20 -19.63 8.84
N PHE A 188 -4.37 -20.01 8.31
CA PHE A 188 -4.65 -19.83 6.88
C PHE A 188 -4.61 -18.36 6.53
N ILE A 189 -5.17 -17.52 7.40
CA ILE A 189 -5.18 -16.08 7.13
C ILE A 189 -3.74 -15.55 7.11
N VAL A 190 -2.95 -15.94 8.10
CA VAL A 190 -1.57 -15.52 8.17
C VAL A 190 -0.86 -15.90 6.88
N ALA A 191 -0.96 -17.18 6.53
CA ALA A 191 -0.33 -17.72 5.33
C ALA A 191 -0.87 -17.13 4.02
N GLY A 192 -2.18 -16.88 3.95
CA GLY A 192 -2.77 -16.18 2.81
C GLY A 192 -2.18 -14.79 2.65
N ASN A 193 -2.01 -14.08 3.76
CA ASN A 193 -1.39 -12.76 3.73
C ASN A 193 0.07 -12.84 3.28
N LEU A 194 0.78 -13.84 3.78
CA LEU A 194 2.16 -14.09 3.37
C LEU A 194 2.25 -14.40 1.86
N ILE A 195 1.28 -15.16 1.34
CA ILE A 195 1.19 -15.42 -0.09
C ILE A 195 1.02 -14.12 -0.88
N ASP A 196 0.13 -13.24 -0.43
CA ASP A 196 -0.03 -11.94 -1.06
C ASP A 196 1.24 -11.09 -1.04
N SER A 197 2.15 -11.36 -0.11
CA SER A 197 3.42 -10.66 -0.05
C SER A 197 4.54 -11.44 -0.74
N LEU A 198 4.17 -12.51 -1.43
CA LEU A 198 5.13 -13.40 -2.12
C LEU A 198 6.15 -14.03 -1.16
N GLU A 199 5.77 -14.16 0.10
CA GLU A 199 6.61 -14.84 1.08
C GLU A 199 6.21 -16.31 1.14
N TYR A 200 6.45 -17.03 0.05
CA TYR A 200 5.95 -18.39 -0.08
C TYR A 200 6.61 -19.39 0.85
N GLU A 201 7.87 -19.14 1.19
CA GLU A 201 8.57 -20.00 2.13
C GLU A 201 7.96 -19.89 3.53
N ARG A 202 7.61 -18.68 3.92
CA ARG A 202 7.04 -18.44 5.25
C ARG A 202 5.61 -18.97 5.33
N ALA A 203 4.89 -18.84 4.22
CA ALA A 203 3.53 -19.34 4.10
C ALA A 203 3.51 -20.88 4.14
N LEU A 204 4.50 -21.51 3.53
CA LEU A 204 4.64 -22.96 3.63
C LEU A 204 4.83 -23.42 5.09
N GLU A 205 5.62 -22.67 5.86
CA GLU A 205 5.82 -23.02 7.26
C GLU A 205 4.50 -22.98 8.00
N GLN A 206 3.69 -21.94 7.74
CA GLN A 206 2.38 -21.84 8.36
C GLN A 206 1.49 -23.03 8.00
N PHE A 207 1.35 -23.30 6.70
CA PHE A 207 0.51 -24.39 6.22
C PHE A 207 0.99 -25.75 6.74
N LEU A 208 2.30 -25.91 6.90
CA LEU A 208 2.83 -27.16 7.47
C LEU A 208 2.37 -27.36 8.91
N LYS A 209 2.29 -26.26 9.66
CA LYS A 209 1.77 -26.34 11.02
C LYS A 209 0.30 -26.71 10.97
N SER A 210 -0.43 -26.11 10.03
CA SER A 210 -1.84 -26.39 9.89
C SER A 210 -2.12 -27.87 9.65
N LEU A 211 -1.29 -28.48 8.80
CA LEU A 211 -1.41 -29.90 8.48
C LEU A 211 -1.23 -30.77 9.71
N GLU A 212 -0.27 -30.41 10.56
CA GLU A 212 -0.01 -31.18 11.76
C GLU A 212 -1.23 -31.15 12.68
N ILE A 213 -1.78 -29.95 12.90
CA ILE A 213 -2.94 -29.78 13.78
C ILE A 213 -4.18 -30.44 13.20
N SER A 214 -4.34 -30.33 11.88
CA SER A 214 -5.48 -30.96 11.21
C SER A 214 -5.40 -32.48 11.33
N LYS A 215 -4.18 -32.98 11.45
CA LYS A 215 -3.95 -34.42 11.55
C LYS A 215 -4.25 -34.94 12.95
N GLU A 216 -3.65 -34.30 13.95
CA GLU A 216 -3.77 -34.75 15.34
C GLU A 216 -5.16 -34.48 15.90
N SER A 217 -6.05 -33.92 15.09
CA SER A 217 -7.41 -33.63 15.52
C SER A 217 -8.41 -34.23 14.54
N ASN A 218 -7.90 -34.95 13.55
CA ASN A 218 -8.73 -35.64 12.56
C ASN A 218 -9.81 -34.83 11.85
N ILE A 219 -9.52 -33.55 11.59
CA ILE A 219 -10.42 -32.77 10.76
C ILE A 219 -10.09 -33.00 9.29
N GLU A 220 -10.90 -33.82 8.63
CA GLU A 220 -10.60 -34.32 7.29
C GLU A 220 -10.48 -33.21 6.24
N HIS A 221 -11.42 -32.27 6.26
CA HIS A 221 -11.42 -31.20 5.27
C HIS A 221 -10.24 -30.24 5.45
N LEU A 222 -9.87 -30.00 6.71
CA LEU A 222 -8.72 -29.16 7.01
C LEU A 222 -7.40 -29.83 6.61
N ILE A 223 -7.39 -31.16 6.63
CA ILE A 223 -6.22 -31.91 6.17
C ILE A 223 -6.03 -31.72 4.67
N ALA A 224 -7.12 -31.85 3.92
CA ALA A 224 -7.06 -31.63 2.48
C ALA A 224 -6.77 -30.18 2.15
N MET A 225 -7.32 -29.26 2.93
CA MET A 225 -7.07 -27.85 2.68
C MET A 225 -5.60 -27.50 2.90
N SER A 226 -5.01 -28.05 3.95
CA SER A 226 -3.57 -27.86 4.20
C SER A 226 -2.74 -28.46 3.07
N HIS A 227 -3.01 -29.71 2.72
CA HIS A 227 -2.31 -30.36 1.61
C HIS A 227 -2.35 -29.51 0.35
N MET A 228 -3.55 -29.06 -0.02
CA MET A 228 -3.74 -28.25 -1.21
C MET A 228 -2.87 -26.98 -1.16
N ASN A 229 -2.95 -26.27 -0.04
CA ASN A 229 -2.22 -25.02 0.10
C ASN A 229 -0.71 -25.23 0.17
N ILE A 230 -0.30 -26.32 0.81
CA ILE A 230 1.10 -26.73 0.80
C ILE A 230 1.57 -26.97 -0.63
N GLY A 231 0.78 -27.73 -1.40
CA GLY A 231 1.09 -27.99 -2.79
C GLY A 231 1.19 -26.71 -3.60
N ILE A 232 0.31 -25.75 -3.32
CA ILE A 232 0.35 -24.45 -4.00
C ILE A 232 1.64 -23.67 -3.72
N CYS A 233 2.07 -23.63 -2.45
CA CYS A 233 3.34 -22.97 -2.11
C CYS A 233 4.53 -23.67 -2.80
N TYR A 234 4.54 -24.99 -2.76
CA TYR A 234 5.60 -25.77 -3.38
C TYR A 234 5.71 -25.49 -4.88
N ASP A 235 4.57 -25.37 -5.55
CA ASP A 235 4.52 -25.02 -6.97
C ASP A 235 5.19 -23.67 -7.20
N GLU A 236 4.89 -22.71 -6.33
CA GLU A 236 5.51 -21.40 -6.38
C GLU A 236 7.01 -21.47 -6.10
N LEU A 237 7.41 -22.37 -5.22
CA LEU A 237 8.82 -22.52 -4.88
C LEU A 237 9.51 -23.41 -5.89
N LYS A 238 8.75 -23.86 -6.89
CA LYS A 238 9.25 -24.72 -7.96
C LYS A 238 9.78 -26.09 -7.48
N GLU A 239 9.37 -26.52 -6.30
CA GLU A 239 9.55 -27.92 -5.96
C GLU A 239 8.31 -28.71 -6.35
N TYR A 240 8.22 -29.02 -7.63
CA TYR A 240 7.06 -29.63 -8.24
C TYR A 240 6.79 -31.07 -7.77
N LYS A 241 7.84 -31.81 -7.41
CA LYS A 241 7.65 -33.17 -6.94
C LYS A 241 6.87 -33.19 -5.64
N LYS A 242 7.30 -32.38 -4.68
CA LYS A 242 6.58 -32.26 -3.43
C LYS A 242 5.20 -31.66 -3.61
N ALA A 243 5.10 -30.67 -4.50
CA ALA A 243 3.81 -30.06 -4.83
C ALA A 243 2.80 -31.12 -5.23
N SER A 244 3.21 -31.99 -6.14
CA SER A 244 2.34 -33.05 -6.61
C SER A 244 1.93 -34.07 -5.53
N GLN A 245 2.87 -34.45 -4.67
CA GLN A 245 2.55 -35.44 -3.63
C GLN A 245 1.54 -34.89 -2.63
N HIS A 246 1.66 -33.61 -2.29
CA HIS A 246 0.69 -32.98 -1.41
C HIS A 246 -0.67 -32.78 -2.11
N LEU A 247 -0.63 -32.50 -3.41
CA LEU A 247 -1.84 -32.24 -4.18
C LEU A 247 -2.70 -33.48 -4.41
N ILE A 248 -2.08 -34.64 -4.62
CA ILE A 248 -2.86 -35.86 -4.77
C ILE A 248 -3.46 -36.32 -3.44
N LEU A 249 -2.77 -36.02 -2.34
CA LEU A 249 -3.30 -36.34 -1.03
C LEU A 249 -4.56 -35.52 -0.79
N ALA A 250 -4.52 -34.26 -1.22
CA ALA A 250 -5.68 -33.40 -1.16
C ALA A 250 -6.77 -33.93 -2.06
N LEU A 251 -6.36 -34.35 -3.24
CA LEU A 251 -7.26 -34.87 -4.27
C LEU A 251 -8.05 -36.08 -3.78
N GLU A 252 -7.37 -36.98 -3.06
CA GLU A 252 -8.00 -38.21 -2.55
C GLU A 252 -9.20 -37.89 -1.68
N ILE A 253 -9.04 -36.87 -0.85
CA ILE A 253 -10.08 -36.47 0.10
C ILE A 253 -11.20 -35.70 -0.59
N PHE A 254 -10.83 -34.74 -1.42
CA PHE A 254 -11.79 -33.90 -2.13
C PHE A 254 -12.67 -34.68 -3.10
N GLU A 255 -12.09 -35.70 -3.74
CA GLU A 255 -12.82 -36.51 -4.72
C GLU A 255 -13.96 -37.28 -4.04
N LYS A 256 -13.69 -37.75 -2.83
CA LYS A 256 -14.71 -38.42 -2.04
C LYS A 256 -15.80 -37.44 -1.62
N SER A 257 -15.39 -36.32 -1.04
CA SER A 257 -16.33 -35.34 -0.50
C SER A 257 -17.05 -34.51 -1.56
N LYS A 258 -16.52 -34.51 -2.78
CA LYS A 258 -17.03 -33.69 -3.87
C LYS A 258 -17.05 -32.20 -3.52
N HIS A 259 -16.08 -31.77 -2.70
CA HIS A 259 -15.98 -30.36 -2.34
C HIS A 259 -15.54 -29.52 -3.53
N SER A 260 -15.90 -28.24 -3.53
CA SER A 260 -15.59 -27.37 -4.67
C SER A 260 -14.10 -27.23 -4.96
N PHE A 261 -13.25 -27.37 -3.93
CA PHE A 261 -11.79 -27.27 -4.08
C PHE A 261 -11.21 -28.37 -4.97
N LEU A 262 -12.06 -29.31 -5.37
CA LEU A 262 -11.62 -30.40 -6.24
C LEU A 262 -11.10 -29.83 -7.56
N THR A 263 -11.81 -28.86 -8.12
CA THR A 263 -11.45 -28.34 -9.42
C THR A 263 -10.10 -27.61 -9.41
N LYS A 264 -9.91 -26.78 -8.38
CA LYS A 264 -8.72 -25.97 -8.22
C LYS A 264 -7.48 -26.86 -7.98
N THR A 265 -7.66 -27.92 -7.21
CA THR A 265 -6.63 -28.90 -6.95
C THR A 265 -6.23 -29.66 -8.24
N LEU A 266 -7.22 -30.03 -9.06
CA LEU A 266 -6.91 -30.72 -10.32
C LEU A 266 -6.22 -29.75 -11.28
N PHE A 267 -6.63 -28.49 -11.21
CA PHE A 267 -6.04 -27.51 -12.08
C PHE A 267 -4.56 -27.34 -11.74
N THR A 268 -4.29 -27.11 -10.47
CA THR A 268 -2.92 -26.91 -9.97
C THR A 268 -2.06 -28.14 -10.25
N LEU A 269 -2.65 -29.32 -10.05
CA LEU A 269 -1.97 -30.57 -10.34
C LEU A 269 -1.61 -30.66 -11.83
N THR A 270 -2.56 -30.33 -12.69
CA THR A 270 -2.34 -30.38 -14.13
C THR A 270 -1.19 -29.47 -14.50
N TYR A 271 -1.25 -28.25 -13.98
CA TYR A 271 -0.23 -27.25 -14.32
C TYR A 271 1.15 -27.68 -13.84
N VAL A 272 1.23 -28.13 -12.59
CA VAL A 272 2.48 -28.61 -12.01
C VAL A 272 3.15 -29.70 -12.87
N GLU A 273 2.35 -30.64 -13.34
CA GLU A 273 2.88 -31.74 -14.15
C GLU A 273 3.32 -31.28 -15.53
N ALA A 274 2.59 -30.33 -16.10
CA ALA A 274 2.94 -29.72 -17.37
C ALA A 274 4.28 -28.98 -17.26
N LYS A 275 4.49 -28.26 -16.16
CA LYS A 275 5.75 -27.55 -15.94
C LYS A 275 6.95 -28.49 -15.83
N GLN A 276 6.72 -29.76 -15.50
CA GLN A 276 7.81 -30.74 -15.49
C GLN A 276 7.90 -31.46 -16.82
N GLN A 277 7.10 -31.00 -17.78
CA GLN A 277 6.98 -31.64 -19.09
C GLN A 277 6.43 -33.05 -19.01
N ASN A 278 5.74 -33.36 -17.92
CA ASN A 278 5.03 -34.64 -17.82
C ASN A 278 3.68 -34.53 -18.51
N TYR A 279 3.71 -34.37 -19.81
CA TYR A 279 2.56 -33.96 -20.62
C TYR A 279 1.46 -35.01 -20.69
N ASN A 280 1.85 -36.28 -20.61
CA ASN A 280 0.88 -37.37 -20.66
C ASN A 280 0.07 -37.54 -19.40
N VAL A 281 0.74 -37.51 -18.25
CA VAL A 281 0.08 -37.58 -16.97
C VAL A 281 -0.75 -36.31 -16.71
N ALA A 282 -0.26 -35.18 -17.21
CA ALA A 282 -0.91 -33.91 -17.00
C ALA A 282 -2.22 -33.89 -17.76
N LEU A 283 -2.20 -34.47 -18.96
CA LEU A 283 -3.37 -34.51 -19.85
C LEU A 283 -4.52 -35.28 -19.22
N ILE A 284 -4.18 -36.22 -18.36
CA ILE A 284 -5.19 -36.98 -17.64
C ILE A 284 -5.90 -36.12 -16.58
N TYR A 285 -5.12 -35.34 -15.85
CA TYR A 285 -5.69 -34.42 -14.86
C TYR A 285 -6.36 -33.23 -15.54
N PHE A 286 -5.88 -32.88 -16.73
CA PHE A 286 -6.49 -31.85 -17.55
C PHE A 286 -7.92 -32.21 -17.96
N ARG A 287 -8.12 -33.40 -18.54
CA ARG A 287 -9.45 -33.81 -19.00
C ARG A 287 -10.40 -33.98 -17.84
N LYS A 288 -9.86 -34.44 -16.72
CA LYS A 288 -10.68 -34.72 -15.55
C LYS A 288 -11.15 -33.40 -14.91
N GLY A 289 -10.25 -32.43 -14.84
CA GLY A 289 -10.56 -31.15 -14.24
C GLY A 289 -11.45 -30.29 -15.11
N ARG A 290 -11.10 -30.22 -16.38
CA ARG A 290 -11.89 -29.52 -17.38
C ARG A 290 -13.32 -30.02 -17.41
N PHE A 291 -13.53 -31.30 -17.11
CA PHE A 291 -14.87 -31.87 -17.09
C PHE A 291 -15.62 -31.48 -15.81
N ILE A 292 -14.94 -31.61 -14.68
CA ILE A 292 -15.52 -31.23 -13.41
C ILE A 292 -15.86 -29.73 -13.39
N ALA A 293 -15.01 -28.92 -14.03
CA ALA A 293 -15.25 -27.48 -14.13
C ALA A 293 -16.50 -27.17 -14.94
N ASP A 294 -16.66 -27.88 -16.06
CA ASP A 294 -17.80 -27.64 -16.95
C ASP A 294 -19.13 -28.04 -16.31
N LYS A 295 -19.14 -29.17 -15.62
CA LYS A 295 -20.41 -29.70 -15.12
C LYS A 295 -20.82 -29.09 -13.79
N SER A 296 -19.90 -28.35 -13.17
CA SER A 296 -20.20 -27.59 -11.98
C SER A 296 -20.49 -26.13 -12.36
N ASP A 297 -20.47 -25.86 -13.66
CA ASP A 297 -20.64 -24.50 -14.19
C ASP A 297 -19.60 -23.56 -13.60
N ASP A 298 -18.42 -24.10 -13.36
CA ASP A 298 -17.32 -23.30 -12.87
C ASP A 298 -16.66 -22.60 -14.06
N LYS A 299 -17.27 -21.50 -14.49
CA LYS A 299 -16.82 -20.78 -15.67
C LYS A 299 -15.40 -20.25 -15.51
N GLU A 300 -15.00 -19.96 -14.27
CA GLU A 300 -13.66 -19.46 -14.01
C GLU A 300 -12.57 -20.51 -14.31
N TYR A 301 -12.76 -21.74 -13.82
CA TYR A 301 -11.73 -22.75 -14.04
C TYR A 301 -11.81 -23.31 -15.46
N SER A 302 -13.01 -23.23 -16.03
CA SER A 302 -13.20 -23.58 -17.43
C SER A 302 -12.32 -22.69 -18.31
N ALA A 303 -12.32 -21.39 -18.04
CA ALA A 303 -11.42 -20.46 -18.74
C ALA A 303 -9.96 -20.75 -18.40
N LYS A 304 -9.70 -21.09 -17.15
CA LYS A 304 -8.33 -21.38 -16.75
C LYS A 304 -7.78 -22.66 -17.40
N PHE A 305 -8.58 -23.72 -17.44
CA PHE A 305 -8.18 -24.93 -18.19
C PHE A 305 -7.92 -24.64 -19.67
N LYS A 306 -8.70 -23.72 -20.24
CA LYS A 306 -8.47 -23.29 -21.63
C LYS A 306 -7.09 -22.66 -21.86
N ILE A 307 -6.54 -22.01 -20.82
CA ILE A 307 -5.20 -21.45 -20.91
C ILE A 307 -4.17 -22.58 -20.96
N LEU A 308 -4.31 -23.56 -20.06
CA LEU A 308 -3.44 -24.73 -20.08
C LEU A 308 -3.56 -25.46 -21.44
N GLU A 309 -4.78 -25.60 -21.92
CA GLU A 309 -5.03 -26.25 -23.20
C GLU A 309 -4.29 -25.57 -24.35
N GLY A 310 -4.37 -24.24 -24.39
CA GLY A 310 -3.73 -23.51 -25.47
C GLY A 310 -2.22 -23.58 -25.34
N LEU A 311 -1.76 -23.58 -24.09
CA LEU A 311 -0.35 -23.69 -23.76
C LEU A 311 0.20 -25.08 -24.05
N PHE A 312 -0.52 -26.13 -23.63
CA PHE A 312 0.09 -27.48 -23.62
C PHE A 312 -0.61 -28.57 -24.43
N PHE A 313 -1.93 -28.49 -24.57
CA PHE A 313 -2.72 -29.65 -24.96
C PHE A 313 -3.48 -29.53 -26.29
N SER A 314 -3.10 -28.54 -27.08
CA SER A 314 -3.58 -28.39 -28.44
C SER A 314 -2.33 -28.40 -29.28
N ASP A 315 -2.39 -27.87 -30.48
CA ASP A 315 -1.15 -27.84 -31.26
C ASP A 315 -0.57 -26.44 -31.29
N GLY A 316 -0.80 -25.70 -30.21
CA GLY A 316 -0.42 -24.32 -30.15
C GLY A 316 -1.57 -23.43 -30.57
N GLU A 317 -2.75 -23.70 -30.05
CA GLU A 317 -3.90 -22.85 -30.30
C GLU A 317 -3.92 -21.67 -29.32
N THR A 318 -3.13 -20.66 -29.65
CA THR A 318 -2.93 -19.52 -28.77
C THR A 318 -4.18 -18.68 -28.58
N GLN A 319 -5.11 -18.75 -29.52
CA GLN A 319 -6.35 -17.98 -29.38
C GLN A 319 -7.14 -18.43 -28.14
N LEU A 320 -6.98 -19.70 -27.76
CA LEU A 320 -7.62 -20.22 -26.56
C LEU A 320 -7.13 -19.48 -25.31
N ILE A 321 -5.83 -19.19 -25.27
CA ILE A 321 -5.24 -18.43 -24.17
C ILE A 321 -5.86 -17.02 -24.13
N LYS A 322 -5.86 -16.37 -25.29
CA LYS A 322 -6.49 -15.07 -25.48
C LYS A 322 -7.95 -15.02 -25.02
N ASN A 323 -8.79 -15.85 -25.63
CA ASN A 323 -10.21 -15.86 -25.29
C ASN A 323 -10.46 -16.14 -23.81
N ALA A 324 -9.63 -16.98 -23.22
CA ALA A 324 -9.77 -17.27 -21.81
C ALA A 324 -9.47 -16.02 -20.96
N PHE A 325 -8.45 -15.25 -21.35
CA PHE A 325 -8.13 -13.98 -20.68
C PHE A 325 -9.21 -12.94 -20.88
N SER A 326 -9.82 -12.95 -22.06
CA SER A 326 -10.98 -12.10 -22.29
C SER A 326 -12.07 -12.46 -21.29
N TYR A 327 -12.32 -13.75 -21.09
CA TYR A 327 -13.40 -14.13 -20.20
C TYR A 327 -13.10 -13.66 -18.78
N LEU A 328 -11.89 -13.95 -18.33
CA LEU A 328 -11.46 -13.57 -16.98
C LEU A 328 -11.51 -12.06 -16.77
N ALA A 329 -10.95 -11.32 -17.71
CA ALA A 329 -10.97 -9.85 -17.65
C ALA A 329 -12.39 -9.31 -17.63
N SER A 330 -13.29 -9.91 -18.40
CA SER A 330 -14.68 -9.42 -18.44
C SER A 330 -15.34 -9.64 -17.09
N ARG A 331 -14.84 -10.61 -16.33
CA ARG A 331 -15.40 -10.91 -15.00
C ARG A 331 -14.70 -10.12 -13.89
N LYS A 332 -13.85 -9.17 -14.29
CA LYS A 332 -13.08 -8.35 -13.35
C LYS A 332 -12.12 -9.15 -12.48
N MET A 333 -11.66 -10.29 -12.99
CA MET A 333 -10.69 -11.12 -12.24
C MET A 333 -9.25 -10.77 -12.63
N PHE A 334 -8.86 -9.54 -12.32
CA PHE A 334 -7.60 -8.98 -12.75
C PHE A 334 -6.36 -9.56 -12.08
N ALA A 335 -6.50 -10.03 -10.84
CA ALA A 335 -5.43 -10.73 -10.16
C ALA A 335 -5.05 -12.01 -10.94
N ASP A 336 -6.06 -12.82 -11.24
CA ASP A 336 -5.89 -13.99 -12.11
C ASP A 336 -5.28 -13.64 -13.45
N VAL A 337 -5.74 -12.54 -14.05
CA VAL A 337 -5.21 -12.11 -15.34
C VAL A 337 -3.75 -11.68 -15.24
N GLU A 338 -3.44 -10.97 -14.15
CA GLU A 338 -2.09 -10.50 -13.94
C GLU A 338 -1.13 -11.66 -13.70
N ASN A 339 -1.48 -12.53 -12.78
CA ASN A 339 -0.62 -13.67 -12.46
C ASN A 339 -0.47 -14.66 -13.61
N PHE A 340 -1.58 -15.04 -14.25
CA PHE A 340 -1.52 -16.00 -15.33
C PHE A 340 -0.83 -15.47 -16.58
N SER A 341 -1.06 -14.21 -16.91
CA SER A 341 -0.43 -13.63 -18.08
C SER A 341 1.11 -13.51 -17.93
N ILE A 342 1.57 -13.37 -16.69
CA ILE A 342 3.00 -13.38 -16.44
C ILE A 342 3.56 -14.80 -16.70
N GLU A 343 2.85 -15.81 -16.21
CA GLU A 343 3.28 -17.20 -16.43
C GLU A 343 3.31 -17.52 -17.92
N VAL A 344 2.31 -17.00 -18.64
CA VAL A 344 2.23 -17.21 -20.08
C VAL A 344 3.35 -16.45 -20.79
N ALA A 345 3.58 -15.22 -20.35
CA ALA A 345 4.68 -14.42 -20.88
C ALA A 345 6.03 -15.08 -20.61
N ASP A 346 6.22 -15.63 -19.41
CA ASP A 346 7.51 -16.28 -19.09
C ASP A 346 7.74 -17.48 -20.02
N TYR A 347 6.71 -18.28 -20.17
CA TYR A 347 6.73 -19.46 -21.00
C TYR A 347 7.12 -19.16 -22.46
N PHE A 348 6.53 -18.12 -23.04
CA PHE A 348 6.86 -17.74 -24.41
C PHE A 348 8.27 -17.13 -24.50
N HIS A 349 8.70 -16.47 -23.43
CA HIS A 349 10.07 -16.00 -23.36
C HIS A 349 11.06 -17.17 -23.41
N GLU A 350 10.77 -18.23 -22.65
CA GLU A 350 11.63 -19.40 -22.62
C GLU A 350 11.69 -20.08 -23.98
N GLN A 351 10.60 -19.99 -24.73
CA GLN A 351 10.54 -20.56 -26.08
C GLN A 351 11.22 -19.69 -27.14
N GLY A 352 11.50 -18.44 -26.81
CA GLY A 352 12.04 -17.51 -27.79
C GLY A 352 10.98 -16.84 -28.66
N ASN A 353 9.72 -16.92 -28.26
CA ASN A 353 8.63 -16.19 -28.94
C ASN A 353 8.43 -14.83 -28.26
N LEU A 354 9.29 -13.89 -28.62
CA LEU A 354 9.37 -12.60 -27.93
C LEU A 354 8.17 -11.67 -28.15
N MET A 355 7.61 -11.72 -29.35
CA MET A 355 6.46 -10.90 -29.69
C MET A 355 5.26 -11.31 -28.83
N LEU A 356 5.01 -12.62 -28.77
CA LEU A 356 3.91 -13.14 -27.96
C LEU A 356 4.17 -12.85 -26.49
N SER A 357 5.41 -13.09 -26.07
CA SER A 357 5.83 -12.85 -24.70
C SER A 357 5.61 -11.39 -24.29
N ASN A 358 5.95 -10.46 -25.18
CA ASN A 358 5.70 -9.03 -24.92
C ASN A 358 4.22 -8.69 -24.78
N GLU A 359 3.39 -9.29 -25.63
CA GLU A 359 1.94 -9.10 -25.61
C GLU A 359 1.37 -9.43 -24.26
N TYR A 360 1.91 -10.48 -23.65
CA TYR A 360 1.40 -10.93 -22.36
C TYR A 360 2.01 -10.19 -21.16
N TYR A 361 3.24 -9.70 -21.30
CA TYR A 361 3.79 -8.81 -20.27
C TYR A 361 2.97 -7.51 -20.26
N ARG A 362 2.62 -7.03 -21.45
CA ARG A 362 1.79 -5.82 -21.58
C ARG A 362 0.46 -6.02 -20.93
N MET A 363 -0.09 -7.22 -21.08
CA MET A 363 -1.41 -7.50 -20.51
C MET A 363 -1.38 -7.52 -19.01
N SER A 364 -0.31 -8.09 -18.45
CA SER A 364 -0.12 -8.09 -17.00
C SER A 364 -0.01 -6.67 -16.46
N ILE A 365 0.64 -5.77 -17.20
CA ILE A 365 0.76 -4.38 -16.77
C ILE A 365 -0.62 -3.74 -16.63
N GLU A 366 -1.42 -3.90 -17.69
CA GLU A 366 -2.79 -3.41 -17.76
C GLU A 366 -3.65 -3.95 -16.62
N ALA A 367 -3.56 -5.27 -16.39
CA ALA A 367 -4.33 -5.90 -15.32
C ALA A 367 -3.97 -5.30 -13.96
N ARG A 368 -2.66 -5.09 -13.75
CA ARG A 368 -2.16 -4.48 -12.52
C ARG A 368 -2.74 -3.08 -12.37
N ARG A 369 -2.71 -2.29 -13.43
CA ARG A 369 -3.31 -0.96 -13.41
C ARG A 369 -4.79 -1.00 -13.05
N LYS A 370 -5.49 -2.00 -13.55
CA LYS A 370 -6.91 -2.13 -13.24
C LYS A 370 -7.15 -2.49 -11.78
N ILE A 371 -6.24 -3.25 -11.18
CA ILE A 371 -6.33 -3.54 -9.74
C ILE A 371 -6.15 -2.26 -8.91
N LYS A 372 -5.10 -1.48 -9.16
CA LYS A 372 -4.91 -0.21 -8.45
C LYS A 372 -6.09 0.75 -8.64
N LYS A 373 -6.72 0.70 -9.82
CA LYS A 373 -7.85 1.57 -10.11
C LYS A 373 -9.14 1.13 -9.39
N GLY A 374 -9.14 -0.09 -8.88
CA GLY A 374 -10.33 -0.70 -8.32
C GLY A 374 -11.39 -1.04 -9.37
N ASP B 14 -1.51 29.94 35.79
CA ASP B 14 -2.10 30.92 34.88
C ASP B 14 -1.04 31.51 33.95
N LEU B 15 -0.11 32.27 34.53
CA LEU B 15 1.04 32.78 33.79
C LEU B 15 1.90 31.63 33.29
N VAL B 16 2.08 30.62 34.13
CA VAL B 16 2.76 29.41 33.73
C VAL B 16 2.01 28.78 32.57
N THR B 17 0.69 28.74 32.69
CA THR B 17 -0.18 28.18 31.65
C THR B 17 -0.01 28.94 30.34
N LYS B 18 0.10 30.26 30.44
CA LYS B 18 0.27 31.07 29.24
C LYS B 18 1.60 30.77 28.55
N LYS B 19 2.64 30.58 29.36
CA LYS B 19 3.97 30.25 28.85
C LYS B 19 3.91 28.88 28.18
N LEU B 20 3.17 27.98 28.79
CA LEU B 20 2.99 26.63 28.26
C LEU B 20 2.27 26.67 26.91
N ASN B 21 1.33 27.60 26.78
CA ASN B 21 0.59 27.74 25.53
C ASN B 21 1.48 28.16 24.36
N GLU B 22 2.39 29.09 24.63
CA GLU B 22 3.30 29.61 23.61
C GLU B 22 4.31 28.54 23.21
N TRP B 23 4.76 27.77 24.19
CA TRP B 23 5.66 26.66 23.93
C TRP B 23 4.99 25.65 23.00
N TYR B 24 3.73 25.33 23.30
CA TYR B 24 2.95 24.44 22.45
C TYR B 24 2.86 24.99 21.02
N THR B 25 2.65 26.29 20.90
CA THR B 25 2.49 26.93 19.59
C THR B 25 3.76 26.86 18.77
N SER B 26 4.89 27.15 19.39
CA SER B 26 6.18 27.09 18.73
C SER B 26 6.49 25.68 18.24
N ILE B 27 6.00 24.67 18.98
CA ILE B 27 6.17 23.29 18.53
C ILE B 27 5.32 22.97 17.29
N LYS B 28 4.07 23.43 17.27
CA LYS B 28 3.19 23.13 16.14
C LYS B 28 3.64 23.89 14.89
N ASN B 29 4.21 25.07 15.09
CA ASN B 29 4.76 25.86 14.00
C ASN B 29 6.20 25.48 13.67
N ASP B 30 6.63 24.33 14.17
CA ASP B 30 7.95 23.75 13.87
C ASP B 30 9.12 24.69 14.17
N GLN B 31 8.92 25.60 15.12
CA GLN B 31 9.98 26.51 15.54
C GLN B 31 10.86 25.84 16.60
N VAL B 32 11.72 24.93 16.14
CA VAL B 32 12.54 24.09 17.02
C VAL B 32 13.39 24.87 18.00
N GLU B 33 14.04 25.93 17.52
CA GLU B 33 14.92 26.72 18.37
C GLU B 33 14.12 27.52 19.40
N GLN B 34 13.08 28.20 18.93
CA GLN B 34 12.18 28.95 19.81
C GLN B 34 11.60 28.07 20.92
N ALA B 35 11.20 26.85 20.55
CA ALA B 35 10.58 25.93 21.49
C ALA B 35 11.54 25.56 22.61
N GLU B 36 12.77 25.26 22.24
CA GLU B 36 13.76 24.80 23.20
C GLU B 36 14.06 25.90 24.22
N ILE B 37 14.01 27.15 23.77
CA ILE B 37 14.25 28.28 24.65
C ILE B 37 13.09 28.43 25.65
N ILE B 38 11.86 28.35 25.13
CA ILE B 38 10.69 28.48 26.00
C ILE B 38 10.65 27.36 27.04
N LYS B 39 10.98 26.16 26.60
CA LYS B 39 11.08 24.99 27.49
C LYS B 39 11.97 25.27 28.69
N THR B 40 13.14 25.85 28.43
CA THR B 40 14.05 26.22 29.52
C THR B 40 13.49 27.35 30.39
N GLU B 41 12.87 28.34 29.74
CA GLU B 41 12.23 29.44 30.47
C GLU B 41 11.14 28.87 31.39
N VAL B 42 10.25 28.08 30.80
CA VAL B 42 9.18 27.41 31.55
C VAL B 42 9.73 26.60 32.73
N GLU B 43 10.73 25.77 32.46
CA GLU B 43 11.27 24.86 33.47
C GLU B 43 11.88 25.50 34.71
N LYS B 44 12.36 26.73 34.59
CA LYS B 44 12.85 27.46 35.75
C LYS B 44 11.68 27.85 36.66
N GLU B 45 10.53 28.11 36.05
CA GLU B 45 9.37 28.60 36.76
C GLU B 45 8.70 27.50 37.58
N LEU B 46 8.94 26.25 37.19
CA LEU B 46 8.37 25.07 37.84
C LEU B 46 8.54 25.07 39.35
N LEU B 47 9.69 25.56 39.80
CA LEU B 47 9.99 25.61 41.22
C LEU B 47 8.98 26.44 42.00
N ASN B 48 8.35 27.39 41.32
CA ASN B 48 7.31 28.20 41.93
C ASN B 48 6.09 28.09 41.07
N MET B 49 5.35 27.00 41.22
CA MET B 49 4.26 26.69 40.32
C MET B 49 3.01 27.49 40.67
N GLU B 50 3.02 28.10 41.86
CA GLU B 50 1.83 28.71 42.47
C GLU B 50 0.80 27.61 42.79
N GLU B 51 1.26 26.36 42.73
CA GLU B 51 0.50 25.16 43.13
C GLU B 51 -0.66 24.79 42.22
N ASN B 52 -0.38 24.43 40.98
CA ASN B 52 -1.45 23.99 40.07
C ASN B 52 -1.29 22.58 39.51
N GLN B 53 -2.20 21.71 39.90
CA GLN B 53 -2.29 20.34 39.41
C GLN B 53 -2.27 20.28 37.88
N ASP B 54 -3.14 21.06 37.25
CA ASP B 54 -3.33 20.99 35.80
C ASP B 54 -2.13 21.48 35.00
N ALA B 55 -1.52 22.56 35.44
CA ALA B 55 -0.38 23.14 34.76
C ALA B 55 0.82 22.18 34.70
N LEU B 56 1.04 21.43 35.78
CA LEU B 56 2.10 20.44 35.83
C LEU B 56 1.82 19.26 34.89
N LEU B 57 0.57 18.86 34.80
CA LEU B 57 0.18 17.75 33.92
C LEU B 57 0.32 18.23 32.48
N TYR B 58 -0.04 19.49 32.26
CA TYR B 58 0.08 20.13 30.96
C TYR B 58 1.55 20.19 30.54
N TYR B 59 2.42 20.55 31.48
CA TYR B 59 3.85 20.64 31.20
C TYR B 59 4.37 19.28 30.74
N GLN B 60 3.93 18.23 31.41
CA GLN B 60 4.41 16.89 31.10
C GLN B 60 3.98 16.38 29.71
N LEU B 61 2.75 16.69 29.31
CA LEU B 61 2.26 16.39 27.97
C LEU B 61 3.02 17.16 26.89
N LEU B 62 3.30 18.44 27.15
CA LEU B 62 4.09 19.24 26.21
C LEU B 62 5.53 18.76 26.13
N GLU B 63 6.06 18.26 27.25
CA GLU B 63 7.41 17.70 27.21
C GLU B 63 7.41 16.50 26.24
N PHE B 64 6.36 15.70 26.33
CA PHE B 64 6.15 14.58 25.44
C PHE B 64 6.02 15.09 23.98
N ARG B 65 5.16 16.09 23.77
CA ARG B 65 4.97 16.68 22.44
C ARG B 65 6.29 17.22 21.89
N HIS B 66 7.07 17.83 22.79
CA HIS B 66 8.36 18.42 22.44
C HIS B 66 9.34 17.37 21.94
N GLU B 67 9.39 16.24 22.64
CA GLU B 67 10.26 15.15 22.27
C GLU B 67 9.81 14.49 20.97
N ILE B 68 8.51 14.47 20.72
CA ILE B 68 8.01 14.01 19.43
C ILE B 68 8.62 14.86 18.32
N MET B 69 8.56 16.18 18.47
CA MET B 69 9.15 17.09 17.50
C MET B 69 10.65 16.85 17.31
N LEU B 70 11.36 16.66 18.42
CA LEU B 70 12.81 16.48 18.36
C LEU B 70 13.19 15.14 17.72
N SER B 71 12.29 14.17 17.81
CA SER B 71 12.56 12.82 17.31
C SER B 71 12.69 12.80 15.79
N TYR B 72 12.30 13.90 15.15
CA TYR B 72 12.43 14.01 13.70
C TYR B 72 13.73 14.72 13.30
N ILE B 78 15.47 7.52 20.09
CA ILE B 78 14.13 7.72 20.66
C ILE B 78 14.02 7.41 22.16
N GLU B 79 15.16 7.28 22.84
CA GLU B 79 15.15 6.99 24.27
C GLU B 79 14.37 8.01 25.09
N ASP B 80 14.67 9.29 24.88
CA ASP B 80 14.01 10.36 25.62
C ASP B 80 12.53 10.38 25.34
N LEU B 81 12.18 10.17 24.08
CA LEU B 81 10.78 10.14 23.67
C LEU B 81 10.05 8.98 24.34
N ASN B 82 10.66 7.79 24.29
CA ASN B 82 10.10 6.63 24.98
C ASN B 82 9.90 6.90 26.49
N ASN B 83 10.89 7.55 27.11
CA ASN B 83 10.79 7.90 28.51
C ASN B 83 9.70 8.94 28.79
N ALA B 84 9.56 9.92 27.90
CA ALA B 84 8.57 10.97 28.11
C ALA B 84 7.18 10.39 27.96
N TYR B 85 7.05 9.44 27.03
CA TYR B 85 5.81 8.71 26.88
C TYR B 85 5.46 7.94 28.17
N GLU B 86 6.40 7.14 28.68
CA GLU B 86 6.12 6.31 29.84
C GLU B 86 5.81 7.14 31.09
N THR B 87 6.38 8.34 31.18
CA THR B 87 5.98 9.27 32.23
C THR B 87 4.48 9.62 32.14
N ILE B 88 3.97 10.17 31.03
CA ILE B 88 2.54 10.49 31.03
C ILE B 88 1.65 9.26 30.95
N LYS B 89 2.15 8.19 30.34
CA LYS B 89 1.41 6.92 30.36
C LYS B 89 1.08 6.53 31.80
N GLU B 90 2.07 6.59 32.69
CA GLU B 90 1.85 6.36 34.12
C GLU B 90 0.78 7.29 34.68
N ILE B 91 0.98 8.59 34.46
CA ILE B 91 0.02 9.61 34.87
C ILE B 91 -1.39 9.36 34.31
N GLU B 92 -1.47 8.96 33.04
CA GLU B 92 -2.76 8.68 32.43
C GLU B 92 -3.44 7.46 33.08
N LYS B 93 -2.70 6.36 33.20
CA LYS B 93 -3.23 5.12 33.77
C LYS B 93 -3.76 5.30 35.19
N GLN B 94 -3.14 6.19 35.96
CA GLN B 94 -3.58 6.48 37.33
C GLN B 94 -4.90 7.26 37.34
N GLY B 95 -5.30 7.78 36.18
CA GLY B 95 -6.57 8.50 36.06
C GLY B 95 -6.50 9.99 36.31
N GLN B 96 -5.30 10.56 36.21
CA GLN B 96 -5.11 11.99 36.41
C GLN B 96 -5.55 12.84 35.21
N LEU B 97 -5.68 12.22 34.03
CA LEU B 97 -5.98 12.98 32.82
C LEU B 97 -7.46 13.02 32.46
N THR B 98 -8.05 14.21 32.53
CA THR B 98 -9.44 14.42 32.09
C THR B 98 -9.54 15.55 31.07
N GLY B 99 -10.71 15.67 30.43
CA GLY B 99 -10.97 16.74 29.49
C GLY B 99 -9.96 16.87 28.36
N MET B 100 -9.45 18.09 28.16
CA MET B 100 -8.45 18.36 27.11
C MET B 100 -7.15 17.59 27.30
N LEU B 101 -6.69 17.49 28.54
CA LEU B 101 -5.41 16.84 28.79
C LEU B 101 -5.46 15.38 28.35
N GLU B 102 -6.60 14.74 28.58
CA GLU B 102 -6.82 13.38 28.12
C GLU B 102 -6.86 13.32 26.59
N TYR B 103 -7.51 14.31 25.97
CA TYR B 103 -7.48 14.39 24.51
C TYR B 103 -6.03 14.46 24.02
N TYR B 104 -5.30 15.46 24.50
CA TYR B 104 -3.87 15.62 24.17
C TYR B 104 -3.08 14.33 24.33
N PHE B 105 -3.38 13.56 25.37
CA PHE B 105 -2.64 12.33 25.61
C PHE B 105 -2.74 11.34 24.44
N TYR B 106 -3.97 11.04 24.05
CA TYR B 106 -4.22 10.09 22.98
C TYR B 106 -3.79 10.64 21.61
N PHE B 107 -3.99 11.93 21.42
CA PHE B 107 -3.54 12.61 20.21
C PHE B 107 -2.02 12.51 20.07
N PHE B 108 -1.31 12.93 21.13
CA PHE B 108 0.16 12.89 21.14
C PHE B 108 0.65 11.45 21.05
N LYS B 109 -0.06 10.54 21.74
CA LYS B 109 0.27 9.11 21.65
C LYS B 109 0.20 8.60 20.20
N GLY B 110 -0.84 9.03 19.49
CA GLY B 110 -0.96 8.71 18.08
C GLY B 110 0.24 9.19 17.29
N MET B 111 0.63 10.46 17.46
CA MET B 111 1.82 10.98 16.79
C MET B 111 3.05 10.17 17.19
N TYR B 112 3.11 9.78 18.46
CA TYR B 112 4.23 8.99 18.99
C TYR B 112 4.28 7.59 18.38
N GLU B 113 3.15 6.90 18.32
CA GLU B 113 3.13 5.57 17.72
C GLU B 113 3.43 5.66 16.21
N PHE B 114 3.01 6.75 15.58
CA PHE B 114 3.30 6.92 14.15
C PHE B 114 4.81 7.01 13.91
N ARG B 115 5.47 7.88 14.68
CA ARG B 115 6.92 8.02 14.66
C ARG B 115 7.64 6.67 14.83
N ARG B 116 7.10 5.80 15.68
CA ARG B 116 7.73 4.49 15.88
C ARG B 116 7.26 3.46 14.86
N LYS B 117 6.39 3.90 13.95
CA LYS B 117 5.75 3.02 12.98
C LYS B 117 4.95 1.90 13.64
N GLU B 118 4.45 2.16 14.85
CA GLU B 118 3.47 1.28 15.48
C GLU B 118 2.11 1.73 14.94
N LEU B 119 1.79 1.24 13.75
CA LEU B 119 0.71 1.81 12.95
C LEU B 119 -0.69 1.49 13.49
N ILE B 120 -0.85 0.26 13.97
CA ILE B 120 -2.12 -0.18 14.56
C ILE B 120 -2.43 0.63 15.82
N SER B 121 -1.45 0.76 16.70
CA SER B 121 -1.66 1.51 17.93
C SER B 121 -1.81 3.00 17.67
N ALA B 122 -1.15 3.49 16.62
CA ALA B 122 -1.33 4.89 16.24
C ALA B 122 -2.78 5.18 15.88
N ILE B 123 -3.34 4.31 15.04
CA ILE B 123 -4.73 4.44 14.60
C ILE B 123 -5.66 4.28 15.79
N SER B 124 -5.37 3.30 16.65
CA SER B 124 -6.15 3.10 17.88
C SER B 124 -6.18 4.35 18.76
N ALA B 125 -5.00 4.95 18.99
CA ALA B 125 -4.92 6.11 19.85
C ALA B 125 -5.62 7.32 19.23
N TYR B 126 -5.43 7.53 17.93
CA TYR B 126 -6.12 8.60 17.22
C TYR B 126 -7.64 8.41 17.28
N ARG B 127 -8.08 7.14 17.26
CA ARG B 127 -9.50 6.84 17.37
C ARG B 127 -10.06 7.33 18.70
N ILE B 128 -9.38 6.99 19.81
CA ILE B 128 -9.80 7.39 21.14
C ILE B 128 -9.83 8.91 21.26
N ALA B 129 -8.75 9.54 20.79
CA ALA B 129 -8.65 11.00 20.76
C ALA B 129 -9.84 11.62 20.04
N GLU B 130 -10.24 11.01 18.91
CA GLU B 130 -11.40 11.46 18.16
C GLU B 130 -12.68 11.48 18.99
N SER B 131 -12.91 10.43 19.77
CA SER B 131 -14.09 10.34 20.65
C SER B 131 -14.14 11.48 21.68
N LYS B 132 -13.01 12.15 21.88
CA LYS B 132 -12.95 13.23 22.84
C LYS B 132 -12.84 14.61 22.17
N LEU B 133 -13.02 14.63 20.85
CA LEU B 133 -12.97 15.88 20.07
C LEU B 133 -13.95 16.95 20.55
N SER B 134 -14.97 16.53 21.28
CA SER B 134 -15.90 17.49 21.88
C SER B 134 -15.21 18.39 22.92
N GLU B 135 -14.14 17.88 23.52
CA GLU B 135 -13.32 18.69 24.43
C GLU B 135 -12.68 19.86 23.69
N VAL B 136 -12.35 19.65 22.42
CA VAL B 136 -11.66 20.65 21.63
C VAL B 136 -12.68 21.60 21.02
N GLU B 137 -12.54 22.89 21.28
CA GLU B 137 -13.58 23.87 20.95
C GLU B 137 -13.18 24.78 19.79
N ASP B 138 -11.88 25.01 19.65
CA ASP B 138 -11.36 25.70 18.46
C ASP B 138 -11.45 24.76 17.26
N GLU B 139 -12.28 25.14 16.29
CA GLU B 139 -12.54 24.30 15.11
C GLU B 139 -11.29 24.08 14.26
N ILE B 140 -10.35 25.02 14.32
CA ILE B 140 -9.06 24.88 13.65
C ILE B 140 -8.28 23.70 14.22
N GLU B 141 -8.35 23.52 15.54
CA GLU B 141 -7.67 22.40 16.18
C GLU B 141 -8.24 21.06 15.74
N LYS B 142 -9.55 21.01 15.53
CA LYS B 142 -10.17 19.80 15.01
C LYS B 142 -9.71 19.54 13.59
N ALA B 143 -9.61 20.60 12.79
CA ALA B 143 -9.11 20.50 11.42
C ALA B 143 -7.69 19.93 11.42
N GLU B 144 -6.86 20.49 12.30
CA GLU B 144 -5.49 20.02 12.47
C GLU B 144 -5.43 18.58 12.93
N PHE B 145 -6.36 18.17 13.78
CA PHE B 145 -6.46 16.77 14.18
C PHE B 145 -6.84 15.89 12.99
N PHE B 146 -7.91 16.25 12.29
CA PHE B 146 -8.38 15.48 11.13
C PHE B 146 -7.29 15.37 10.06
N PHE B 147 -6.51 16.44 9.93
CA PHE B 147 -5.41 16.44 8.99
C PHE B 147 -4.34 15.43 9.40
N LYS B 148 -4.04 15.37 10.69
CA LYS B 148 -3.03 14.44 11.19
C LYS B 148 -3.48 13.02 10.92
N VAL B 149 -4.76 12.76 11.16
CA VAL B 149 -5.31 11.42 10.96
C VAL B 149 -5.35 11.07 9.46
N SER B 150 -5.70 12.05 8.64
CA SER B 150 -5.69 11.83 7.20
C SER B 150 -4.32 11.34 6.72
N TYR B 151 -3.27 11.88 7.31
CA TYR B 151 -1.93 11.63 6.81
C TYR B 151 -1.49 10.20 7.11
N VAL B 152 -1.79 9.74 8.33
CA VAL B 152 -1.43 8.37 8.68
C VAL B 152 -2.21 7.33 7.84
N TYR B 153 -3.47 7.61 7.56
CA TYR B 153 -4.24 6.70 6.73
C TYR B 153 -3.68 6.70 5.31
N TYR B 154 -3.21 7.87 4.89
CA TYR B 154 -2.57 8.04 3.59
C TYR B 154 -1.29 7.20 3.51
N TYR B 155 -0.44 7.34 4.51
CA TYR B 155 0.81 6.59 4.61
C TYR B 155 0.57 5.10 4.46
N MET B 156 -0.50 4.60 5.05
CA MET B 156 -0.79 3.17 4.95
C MET B 156 -1.77 2.84 3.82
N LYS B 157 -2.00 3.82 2.95
CA LYS B 157 -2.83 3.61 1.77
C LYS B 157 -4.23 3.14 2.10
N GLN B 158 -4.80 3.64 3.20
CA GLN B 158 -6.21 3.44 3.46
C GLN B 158 -6.95 4.66 2.90
N THR B 159 -7.20 4.58 1.61
CA THR B 159 -7.60 5.69 0.76
C THR B 159 -8.93 6.34 1.12
N TYR B 160 -9.97 5.51 1.30
CA TYR B 160 -11.26 6.03 1.70
C TYR B 160 -11.14 6.84 3.01
N PHE B 161 -10.47 6.27 4.00
CA PHE B 161 -10.35 6.93 5.30
C PHE B 161 -9.51 8.19 5.24
N SER B 162 -8.42 8.16 4.47
CA SER B 162 -7.55 9.31 4.32
C SER B 162 -8.26 10.48 3.62
N MET B 163 -8.94 10.18 2.53
CA MET B 163 -9.73 11.19 1.83
C MET B 163 -10.86 11.73 2.68
N ASN B 164 -11.48 10.84 3.45
CA ASN B 164 -12.58 11.24 4.31
C ASN B 164 -12.11 12.25 5.36
N TYR B 165 -11.03 11.90 6.04
CA TYR B 165 -10.49 12.78 7.06
C TYR B 165 -9.95 14.07 6.46
N ALA B 166 -9.33 13.98 5.28
CA ALA B 166 -8.76 15.17 4.65
C ALA B 166 -9.87 16.13 4.29
N ASN B 167 -11.00 15.57 3.88
CA ASN B 167 -12.16 16.40 3.57
C ASN B 167 -12.86 16.97 4.81
N ARG B 168 -12.81 16.24 5.93
CA ARG B 168 -13.35 16.78 7.16
C ARG B 168 -12.55 18.02 7.57
N ALA B 169 -11.23 17.95 7.46
CA ALA B 169 -10.37 19.07 7.80
C ALA B 169 -10.59 20.23 6.84
N LEU B 170 -10.80 19.90 5.57
CA LEU B 170 -10.95 20.90 4.51
C LEU B 170 -12.22 21.76 4.66
N LYS B 171 -13.33 21.14 5.03
CA LYS B 171 -14.59 21.87 5.25
C LYS B 171 -14.42 22.99 6.27
N ILE B 172 -13.51 22.80 7.21
CA ILE B 172 -13.22 23.79 8.24
C ILE B 172 -12.20 24.83 7.75
N PHE B 173 -10.99 24.37 7.43
CA PHE B 173 -9.90 25.23 6.92
C PHE B 173 -10.35 26.23 5.85
N ARG B 174 -11.20 25.79 4.93
CA ARG B 174 -11.58 26.60 3.77
C ARG B 174 -12.42 27.83 4.13
N GLU B 175 -12.86 27.90 5.38
CA GLU B 175 -13.69 29.02 5.81
C GLU B 175 -12.85 30.14 6.44
N TYR B 176 -11.56 29.87 6.60
CA TYR B 176 -10.63 30.86 7.15
C TYR B 176 -9.53 31.12 6.15
N GLU B 177 -9.66 32.17 5.35
CA GLU B 177 -8.74 32.40 4.24
C GLU B 177 -7.30 32.75 4.63
N GLU B 178 -7.01 32.71 5.93
CA GLU B 178 -5.63 32.82 6.40
C GLU B 178 -5.03 31.43 6.62
N TYR B 179 -5.83 30.40 6.39
CA TYR B 179 -5.32 29.04 6.42
C TYR B 179 -5.25 28.45 5.02
N ALA B 180 -5.03 29.32 4.04
CA ALA B 180 -4.96 28.92 2.63
C ALA B 180 -3.94 27.79 2.40
N VAL B 181 -2.79 27.90 3.06
CA VAL B 181 -1.77 26.84 3.09
C VAL B 181 -2.35 25.50 3.54
N GLN B 182 -3.06 25.49 4.66
CA GLN B 182 -3.63 24.26 5.18
C GLN B 182 -4.70 23.69 4.25
N THR B 183 -5.49 24.57 3.65
CA THR B 183 -6.50 24.20 2.67
C THR B 183 -5.85 23.52 1.48
N VAL B 184 -4.78 24.12 0.97
CA VAL B 184 -4.06 23.56 -0.17
C VAL B 184 -3.46 22.19 0.18
N ARG B 185 -2.92 22.09 1.38
CA ARG B 185 -2.33 20.84 1.86
C ARG B 185 -3.35 19.71 1.93
N CYS B 186 -4.58 20.03 2.34
CA CYS B 186 -5.63 19.01 2.40
C CYS B 186 -5.96 18.53 0.99
N GLN B 187 -5.98 19.46 0.04
CA GLN B 187 -6.26 19.13 -1.35
C GLN B 187 -5.13 18.29 -1.97
N PHE B 188 -3.89 18.57 -1.60
CA PHE B 188 -2.78 17.74 -2.02
C PHE B 188 -2.90 16.32 -1.49
N ILE B 189 -3.40 16.17 -0.26
CA ILE B 189 -3.57 14.85 0.33
C ILE B 189 -4.64 14.06 -0.44
N VAL B 190 -5.80 14.68 -0.60
CA VAL B 190 -6.89 14.10 -1.40
C VAL B 190 -6.34 13.70 -2.76
N ALA B 191 -5.69 14.64 -3.43
CA ALA B 191 -5.11 14.40 -4.75
C ALA B 191 -4.07 13.27 -4.72
N GLY B 192 -3.25 13.24 -3.68
CA GLY B 192 -2.26 12.19 -3.53
C GLY B 192 -2.90 10.82 -3.45
N ASN B 193 -3.95 10.71 -2.65
CA ASN B 193 -4.71 9.50 -2.56
C ASN B 193 -5.26 9.08 -3.94
N LEU B 194 -5.73 10.05 -4.71
CA LEU B 194 -6.30 9.80 -6.04
C LEU B 194 -5.27 9.29 -7.04
N ILE B 195 -4.08 9.89 -7.02
CA ILE B 195 -2.96 9.45 -7.87
C ILE B 195 -2.57 8.00 -7.57
N ASP B 196 -2.54 7.64 -6.29
CA ASP B 196 -2.25 6.26 -5.91
C ASP B 196 -3.34 5.31 -6.41
N SER B 197 -4.50 5.86 -6.74
CA SER B 197 -5.57 5.06 -7.32
C SER B 197 -5.65 5.26 -8.83
N LEU B 198 -4.66 5.96 -9.39
CA LEU B 198 -4.60 6.23 -10.83
C LEU B 198 -5.80 7.04 -11.32
N GLU B 199 -6.38 7.82 -10.42
CA GLU B 199 -7.49 8.71 -10.77
C GLU B 199 -6.96 10.07 -11.18
N TYR B 200 -6.19 10.07 -12.26
CA TYR B 200 -5.42 11.25 -12.66
C TYR B 200 -6.29 12.44 -13.03
N GLU B 201 -7.45 12.16 -13.61
CA GLU B 201 -8.37 13.22 -14.00
C GLU B 201 -8.98 13.88 -12.76
N ARG B 202 -9.43 13.06 -11.82
CA ARG B 202 -9.95 13.58 -10.56
C ARG B 202 -8.84 14.33 -9.83
N ALA B 203 -7.63 13.78 -9.88
CA ALA B 203 -6.49 14.39 -9.24
C ALA B 203 -6.20 15.76 -9.84
N LEU B 204 -6.27 15.83 -11.16
CA LEU B 204 -6.02 17.08 -11.87
C LEU B 204 -6.99 18.18 -11.43
N GLU B 205 -8.27 17.80 -11.27
CA GLU B 205 -9.28 18.71 -10.77
C GLU B 205 -8.88 19.28 -9.41
N GLN B 206 -8.37 18.41 -8.54
CA GLN B 206 -7.92 18.80 -7.21
C GLN B 206 -6.78 19.81 -7.24
N PHE B 207 -5.76 19.50 -8.03
CA PHE B 207 -4.61 20.39 -8.18
C PHE B 207 -5.00 21.72 -8.82
N LEU B 208 -6.01 21.70 -9.70
CA LEU B 208 -6.47 22.95 -10.33
C LEU B 208 -7.10 23.89 -9.31
N LYS B 209 -7.88 23.32 -8.39
CA LYS B 209 -8.46 24.12 -7.31
C LYS B 209 -7.36 24.71 -6.44
N SER B 210 -6.34 23.91 -6.15
CA SER B 210 -5.16 24.36 -5.42
C SER B 210 -4.47 25.53 -6.11
N LEU B 211 -4.38 25.47 -7.43
CA LEU B 211 -3.79 26.57 -8.19
C LEU B 211 -4.52 27.88 -7.92
N GLU B 212 -5.84 27.81 -7.87
CA GLU B 212 -6.67 28.98 -7.53
C GLU B 212 -6.33 29.55 -6.16
N ILE B 213 -6.46 28.72 -5.12
CA ILE B 213 -6.21 29.17 -3.75
C ILE B 213 -4.79 29.75 -3.60
N SER B 214 -3.85 29.19 -4.36
CA SER B 214 -2.45 29.62 -4.31
C SER B 214 -2.22 30.98 -4.94
N LYS B 215 -2.84 31.21 -6.09
CA LYS B 215 -2.76 32.50 -6.77
C LYS B 215 -3.40 33.60 -5.94
N GLU B 216 -4.59 33.31 -5.41
CA GLU B 216 -5.34 34.28 -4.64
C GLU B 216 -4.65 34.69 -3.35
N SER B 217 -3.74 33.85 -2.86
CA SER B 217 -3.08 34.11 -1.58
C SER B 217 -1.61 34.50 -1.69
N ASN B 218 -1.12 34.65 -2.93
CA ASN B 218 0.24 35.10 -3.22
C ASN B 218 1.37 34.11 -2.86
N ILE B 219 0.99 32.91 -2.41
CA ILE B 219 1.97 31.92 -2.00
C ILE B 219 2.68 31.32 -3.21
N GLU B 220 3.79 31.92 -3.61
CA GLU B 220 4.47 31.54 -4.85
C GLU B 220 4.89 30.07 -4.93
N HIS B 221 5.27 29.49 -3.80
CA HIS B 221 5.76 28.12 -3.78
C HIS B 221 4.63 27.11 -3.91
N LEU B 222 3.43 27.48 -3.48
CA LEU B 222 2.27 26.61 -3.67
C LEU B 222 1.71 26.78 -5.08
N ILE B 223 2.04 27.90 -5.70
CA ILE B 223 1.67 28.12 -7.10
C ILE B 223 2.47 27.16 -7.97
N ALA B 224 3.75 27.02 -7.64
CA ALA B 224 4.65 26.19 -8.42
C ALA B 224 4.41 24.70 -8.17
N MET B 225 4.08 24.38 -6.92
CA MET B 225 3.72 23.02 -6.54
C MET B 225 2.45 22.59 -7.28
N SER B 226 1.49 23.50 -7.36
CA SER B 226 0.25 23.25 -8.10
C SER B 226 0.52 23.03 -9.58
N HIS B 227 1.26 23.93 -10.22
CA HIS B 227 1.67 23.75 -11.63
C HIS B 227 2.43 22.46 -11.86
N MET B 228 3.36 22.13 -10.97
CA MET B 228 4.17 20.93 -11.16
C MET B 228 3.32 19.67 -11.18
N ASN B 229 2.38 19.57 -10.25
CA ASN B 229 1.51 18.40 -10.12
C ASN B 229 0.47 18.32 -11.23
N ILE B 230 0.00 19.49 -11.68
CA ILE B 230 -0.94 19.56 -12.80
C ILE B 230 -0.24 19.03 -14.05
N GLY B 231 1.00 19.45 -14.24
CA GLY B 231 1.83 18.96 -15.34
C GLY B 231 2.06 17.47 -15.26
N ILE B 232 2.23 16.95 -14.05
CA ILE B 232 2.39 15.50 -13.86
C ILE B 232 1.11 14.74 -14.24
N CYS B 233 -0.05 15.28 -13.83
CA CYS B 233 -1.34 14.66 -14.16
C CYS B 233 -1.56 14.67 -15.66
N TYR B 234 -1.39 15.84 -16.29
CA TYR B 234 -1.49 15.92 -17.74
C TYR B 234 -0.54 14.95 -18.44
N ASP B 235 0.68 14.84 -17.92
CA ASP B 235 1.65 13.85 -18.41
C ASP B 235 1.10 12.40 -18.39
N GLU B 236 0.47 12.01 -17.27
CA GLU B 236 -0.11 10.67 -17.16
C GLU B 236 -1.34 10.49 -18.03
N LEU B 237 -1.99 11.61 -18.35
CA LEU B 237 -3.16 11.59 -19.22
C LEU B 237 -2.74 11.69 -20.69
N LYS B 238 -1.42 11.64 -20.92
CA LYS B 238 -0.83 11.75 -22.26
C LYS B 238 -1.16 13.05 -23.01
N GLU B 239 -1.71 14.04 -22.31
CA GLU B 239 -1.90 15.37 -22.89
C GLU B 239 -0.64 16.19 -22.71
N TYR B 240 0.30 16.03 -23.64
CA TYR B 240 1.67 16.50 -23.46
C TYR B 240 1.91 18.01 -23.57
N LYS B 241 1.09 18.71 -24.34
CA LYS B 241 1.30 20.15 -24.49
C LYS B 241 0.90 20.91 -23.22
N LYS B 242 -0.28 20.60 -22.68
CA LYS B 242 -0.72 21.20 -21.42
C LYS B 242 0.25 20.92 -20.28
N ALA B 243 0.84 19.73 -20.31
CA ALA B 243 1.84 19.32 -19.31
C ALA B 243 3.09 20.20 -19.40
N SER B 244 3.60 20.37 -20.62
CA SER B 244 4.74 21.24 -20.87
C SER B 244 4.49 22.65 -20.35
N GLN B 245 3.32 23.19 -20.67
CA GLN B 245 2.96 24.54 -20.27
C GLN B 245 2.99 24.71 -18.75
N HIS B 246 2.33 23.81 -18.03
CA HIS B 246 2.29 23.92 -16.58
C HIS B 246 3.65 23.69 -15.93
N LEU B 247 4.43 22.78 -16.49
CA LEU B 247 5.76 22.50 -15.98
C LEU B 247 6.70 23.70 -16.17
N ILE B 248 6.46 24.48 -17.22
CA ILE B 248 7.24 25.70 -17.47
C ILE B 248 6.85 26.82 -16.49
N LEU B 249 5.56 26.95 -16.25
CA LEU B 249 5.05 27.88 -15.24
C LEU B 249 5.56 27.52 -13.85
N ALA B 250 5.76 26.23 -13.60
CA ALA B 250 6.37 25.79 -12.36
C ALA B 250 7.85 26.10 -12.37
N LEU B 251 8.46 25.92 -13.54
CA LEU B 251 9.89 26.19 -13.71
C LEU B 251 10.20 27.66 -13.50
N GLU B 252 9.34 28.52 -14.03
CA GLU B 252 9.53 29.98 -13.94
C GLU B 252 9.27 30.53 -12.52
N ILE B 253 9.41 29.66 -11.52
CA ILE B 253 9.31 30.05 -10.12
C ILE B 253 10.40 29.32 -9.36
N PHE B 254 10.52 28.02 -9.64
CA PHE B 254 11.49 27.13 -8.99
C PHE B 254 12.94 27.54 -9.21
N GLU B 255 13.26 28.06 -10.39
CA GLU B 255 14.65 28.43 -10.69
C GLU B 255 15.08 29.73 -10.00
N LYS B 256 14.13 30.60 -9.69
CA LYS B 256 14.43 31.78 -8.88
C LYS B 256 14.07 31.52 -7.43
N SER B 257 13.92 30.25 -7.10
CA SER B 257 13.65 29.79 -5.75
C SER B 257 14.75 28.83 -5.34
N LYS B 258 15.28 28.11 -6.34
CA LYS B 258 16.27 27.05 -6.12
C LYS B 258 15.74 25.89 -5.27
N HIS B 259 14.42 25.79 -5.14
CA HIS B 259 13.83 24.73 -4.32
C HIS B 259 14.25 23.36 -4.83
N SER B 260 14.18 22.37 -3.95
CA SER B 260 14.61 21.02 -4.29
C SER B 260 13.84 20.47 -5.50
N PHE B 261 12.60 20.93 -5.68
CA PHE B 261 11.74 20.42 -6.74
C PHE B 261 12.09 20.92 -8.13
N LEU B 262 13.08 21.79 -8.20
CA LEU B 262 13.60 22.28 -9.48
C LEU B 262 14.00 21.11 -10.35
N THR B 263 14.73 20.17 -9.76
CA THR B 263 15.28 19.04 -10.47
C THR B 263 14.20 18.13 -11.03
N LYS B 264 13.21 17.79 -10.20
CA LYS B 264 12.12 16.92 -10.63
C LYS B 264 11.36 17.54 -11.81
N THR B 265 11.06 18.82 -11.67
CA THR B 265 10.39 19.59 -12.71
C THR B 265 11.20 19.57 -14.00
N LEU B 266 12.50 19.85 -13.90
CA LEU B 266 13.39 19.79 -15.05
C LEU B 266 13.45 18.39 -15.64
N PHE B 267 13.41 17.36 -14.80
CA PHE B 267 13.39 16.00 -15.31
C PHE B 267 12.11 15.68 -16.07
N THR B 268 10.97 16.01 -15.45
CA THR B 268 9.68 15.69 -16.03
C THR B 268 9.48 16.45 -17.34
N LEU B 269 9.93 17.69 -17.38
CA LEU B 269 9.77 18.52 -18.57
C LEU B 269 10.60 17.94 -19.72
N THR B 270 11.80 17.47 -19.40
CA THR B 270 12.70 16.87 -20.39
C THR B 270 12.05 15.66 -21.03
N TYR B 271 11.39 14.85 -20.21
CA TYR B 271 10.74 13.62 -20.67
C TYR B 271 9.48 13.93 -21.48
N VAL B 272 8.66 14.85 -20.98
CA VAL B 272 7.47 15.31 -21.70
C VAL B 272 7.80 15.84 -23.09
N GLU B 273 8.87 16.62 -23.21
CA GLU B 273 9.31 17.11 -24.52
C GLU B 273 9.87 15.99 -25.38
N ALA B 274 10.56 15.04 -24.76
CA ALA B 274 11.09 13.88 -25.48
C ALA B 274 9.96 13.04 -26.05
N LYS B 275 8.92 12.81 -25.24
CA LYS B 275 7.75 12.05 -25.67
C LYS B 275 7.00 12.69 -26.83
N GLN B 276 7.34 13.95 -27.13
CA GLN B 276 6.70 14.68 -28.23
C GLN B 276 7.60 14.75 -29.46
N GLN B 277 8.71 14.02 -29.42
CA GLN B 277 9.77 14.12 -30.43
C GLN B 277 10.34 15.54 -30.53
N ASN B 278 10.16 16.34 -29.49
CA ASN B 278 10.75 17.67 -29.46
C ASN B 278 12.16 17.58 -28.87
N TYR B 279 13.05 16.94 -29.63
CA TYR B 279 14.37 16.56 -29.15
C TYR B 279 15.31 17.71 -28.87
N ASN B 280 15.33 18.72 -29.75
CA ASN B 280 16.19 19.88 -29.51
C ASN B 280 15.79 20.63 -28.25
N VAL B 281 14.48 20.78 -28.04
CA VAL B 281 13.96 21.45 -26.85
C VAL B 281 14.24 20.61 -25.61
N ALA B 282 14.02 19.31 -25.73
CA ALA B 282 14.27 18.36 -24.64
C ALA B 282 15.73 18.38 -24.17
N LEU B 283 16.67 18.51 -25.11
CA LEU B 283 18.10 18.48 -24.78
C LEU B 283 18.54 19.70 -23.95
N ILE B 284 17.77 20.79 -24.02
CA ILE B 284 18.05 21.95 -23.19
C ILE B 284 17.73 21.66 -21.73
N TYR B 285 16.49 21.26 -21.47
CA TYR B 285 16.07 20.95 -20.11
C TYR B 285 16.86 19.77 -19.56
N PHE B 286 17.29 18.89 -20.47
CA PHE B 286 18.18 17.79 -20.14
C PHE B 286 19.49 18.28 -19.52
N ARG B 287 20.15 19.21 -20.19
CA ARG B 287 21.46 19.67 -19.73
C ARG B 287 21.40 20.57 -18.50
N LYS B 288 20.36 21.39 -18.39
CA LYS B 288 20.19 22.19 -17.19
C LYS B 288 19.85 21.28 -16.03
N GLY B 289 18.89 20.39 -16.25
CA GLY B 289 18.46 19.43 -15.23
C GLY B 289 19.60 18.55 -14.71
N ARG B 290 20.32 17.93 -15.63
CA ARG B 290 21.45 17.09 -15.27
C ARG B 290 22.57 17.88 -14.59
N PHE B 291 22.77 19.13 -15.02
CA PHE B 291 23.77 19.98 -14.36
C PHE B 291 23.37 20.21 -12.91
N ILE B 292 22.15 20.68 -12.70
CA ILE B 292 21.57 20.86 -11.37
C ILE B 292 21.67 19.57 -10.55
N ALA B 293 21.50 18.43 -11.23
CA ALA B 293 21.50 17.12 -10.58
C ALA B 293 22.88 16.64 -10.10
N ASP B 294 23.91 16.82 -10.93
CA ASP B 294 25.23 16.28 -10.63
C ASP B 294 25.92 17.00 -9.48
N LYS B 295 25.55 18.25 -9.25
CA LYS B 295 26.22 19.08 -8.26
C LYS B 295 25.74 18.79 -6.84
N SER B 296 24.97 17.71 -6.67
CA SER B 296 24.43 17.35 -5.36
C SER B 296 24.60 15.86 -5.04
N ASP B 297 24.79 15.55 -3.75
CA ASP B 297 24.83 14.16 -3.32
C ASP B 297 23.48 13.50 -3.50
N ASP B 298 23.43 12.17 -3.33
CA ASP B 298 22.25 11.36 -3.65
C ASP B 298 21.91 11.53 -5.13
N LYS B 299 22.45 10.64 -5.96
CA LYS B 299 22.22 10.67 -7.40
C LYS B 299 20.74 10.84 -7.75
N GLU B 300 19.95 9.83 -7.43
CA GLU B 300 18.56 9.69 -7.88
C GLU B 300 18.25 10.28 -9.25
N TYR B 301 18.37 11.60 -9.37
CA TYR B 301 18.03 12.29 -10.61
C TYR B 301 19.18 12.29 -11.60
N SER B 302 20.39 12.16 -11.10
CA SER B 302 21.55 11.93 -11.95
C SER B 302 21.35 10.58 -12.63
N ALA B 303 20.87 9.60 -11.86
CA ALA B 303 20.55 8.29 -12.43
C ALA B 303 19.35 8.38 -13.39
N LYS B 304 18.32 9.13 -12.99
CA LYS B 304 17.13 9.28 -13.81
C LYS B 304 17.41 10.01 -15.12
N PHE B 305 18.31 10.98 -15.07
CA PHE B 305 18.72 11.66 -16.29
C PHE B 305 19.53 10.73 -17.19
N LYS B 306 20.26 9.80 -16.57
CA LYS B 306 21.05 8.82 -17.32
C LYS B 306 20.16 7.83 -18.08
N ILE B 307 18.92 7.64 -17.62
CA ILE B 307 17.96 6.83 -18.36
C ILE B 307 17.55 7.57 -19.62
N LEU B 308 17.23 8.85 -19.47
CA LEU B 308 16.91 9.72 -20.61
C LEU B 308 18.06 9.81 -21.60
N GLU B 309 19.28 9.88 -21.09
CA GLU B 309 20.46 9.98 -21.94
C GLU B 309 20.60 8.76 -22.84
N GLY B 310 20.57 7.57 -22.24
CA GLY B 310 20.67 6.34 -23.01
C GLY B 310 19.51 6.16 -23.98
N LEU B 311 18.36 6.71 -23.63
CA LEU B 311 17.13 6.57 -24.43
C LEU B 311 17.12 7.52 -25.63
N PHE B 312 17.50 8.78 -25.41
CA PHE B 312 17.30 9.81 -26.40
C PHE B 312 18.53 10.61 -26.83
N PHE B 313 19.46 10.83 -25.91
CA PHE B 313 20.54 11.77 -26.16
C PHE B 313 21.94 11.15 -26.19
N SER B 314 22.01 9.93 -26.71
CA SER B 314 23.27 9.28 -27.01
C SER B 314 23.17 8.61 -28.37
N ASP B 315 24.12 7.72 -28.65
CA ASP B 315 24.15 7.02 -29.93
C ASP B 315 23.42 5.70 -29.80
N GLY B 316 22.58 5.61 -28.77
CA GLY B 316 21.94 4.37 -28.40
C GLY B 316 22.76 3.65 -27.34
N GLU B 317 23.37 4.43 -26.44
CA GLU B 317 24.14 3.86 -25.34
C GLU B 317 23.18 3.28 -24.31
N THR B 318 22.54 2.17 -24.65
CA THR B 318 21.54 1.57 -23.79
C THR B 318 22.12 1.05 -22.47
N GLN B 319 23.44 0.90 -22.41
CA GLN B 319 24.12 0.48 -21.18
C GLN B 319 23.92 1.53 -20.07
N LEU B 320 23.76 2.79 -20.46
CA LEU B 320 23.47 3.86 -19.52
C LEU B 320 22.15 3.61 -18.79
N ILE B 321 21.17 3.09 -19.52
CA ILE B 321 19.88 2.76 -18.95
C ILE B 321 20.03 1.65 -17.91
N LYS B 322 20.77 0.62 -18.28
CA LYS B 322 20.97 -0.54 -17.42
C LYS B 322 21.64 -0.19 -16.08
N ASN B 323 22.68 0.64 -16.13
CA ASN B 323 23.38 1.05 -14.91
C ASN B 323 22.58 2.01 -14.04
N ALA B 324 21.74 2.81 -14.67
CA ALA B 324 20.87 3.72 -13.94
C ALA B 324 19.87 2.91 -13.11
N PHE B 325 19.25 1.90 -13.73
CA PHE B 325 18.34 1.04 -13.00
C PHE B 325 19.07 0.27 -11.89
N SER B 326 20.31 -0.10 -12.13
CA SER B 326 21.07 -0.85 -11.13
C SER B 326 21.29 -0.01 -9.88
N TYR B 327 21.65 1.26 -10.09
CA TYR B 327 21.73 2.22 -9.01
C TYR B 327 20.38 2.40 -8.31
N LEU B 328 19.30 2.53 -9.09
CA LEU B 328 17.98 2.74 -8.52
C LEU B 328 17.58 1.55 -7.65
N ALA B 329 17.86 0.35 -8.15
CA ALA B 329 17.60 -0.87 -7.40
C ALA B 329 18.49 -0.93 -6.17
N SER B 330 19.69 -0.36 -6.28
CA SER B 330 20.64 -0.36 -5.18
C SER B 330 20.14 0.47 -3.99
N ARG B 331 19.35 1.51 -4.27
CA ARG B 331 18.75 2.31 -3.19
C ARG B 331 17.31 1.89 -2.85
N LYS B 332 16.92 0.70 -3.32
CA LYS B 332 15.59 0.12 -3.07
C LYS B 332 14.42 0.97 -3.56
N MET B 333 14.67 1.84 -4.53
CA MET B 333 13.64 2.71 -5.11
C MET B 333 12.81 1.97 -6.18
N PHE B 334 12.12 0.91 -5.76
CA PHE B 334 11.54 -0.05 -6.69
C PHE B 334 10.33 0.44 -7.46
N ALA B 335 9.64 1.44 -6.92
CA ALA B 335 8.51 2.03 -7.63
C ALA B 335 9.03 2.72 -8.87
N ASP B 336 10.13 3.44 -8.71
CA ASP B 336 10.77 4.11 -9.83
C ASP B 336 11.29 3.10 -10.87
N VAL B 337 11.96 2.04 -10.40
CA VAL B 337 12.42 0.99 -11.28
C VAL B 337 11.26 0.42 -12.09
N GLU B 338 10.14 0.17 -11.42
CA GLU B 338 9.02 -0.43 -12.11
C GLU B 338 8.40 0.54 -13.09
N ASN B 339 8.16 1.76 -12.64
CA ASN B 339 7.50 2.74 -13.49
C ASN B 339 8.35 3.06 -14.69
N PHE B 340 9.64 3.28 -14.48
CA PHE B 340 10.51 3.68 -15.57
C PHE B 340 10.85 2.54 -16.52
N SER B 341 10.96 1.31 -15.99
CA SER B 341 11.28 0.20 -16.87
C SER B 341 10.12 -0.11 -17.82
N ILE B 342 8.89 0.15 -17.37
CA ILE B 342 7.74 0.08 -18.26
C ILE B 342 7.82 1.11 -19.41
N GLU B 343 8.17 2.35 -19.06
CA GLU B 343 8.40 3.39 -20.06
C GLU B 343 9.44 2.99 -21.10
N VAL B 344 10.53 2.40 -20.63
CA VAL B 344 11.64 1.99 -21.49
C VAL B 344 11.24 0.80 -22.36
N ALA B 345 10.53 -0.15 -21.75
CA ALA B 345 9.98 -1.30 -22.48
C ALA B 345 8.95 -0.87 -23.54
N ASP B 346 8.02 0.01 -23.16
CA ASP B 346 7.04 0.55 -24.11
C ASP B 346 7.70 1.22 -25.30
N TYR B 347 8.83 1.88 -25.03
CA TYR B 347 9.56 2.58 -26.08
C TYR B 347 10.28 1.62 -27.02
N PHE B 348 10.95 0.61 -26.47
CA PHE B 348 11.59 -0.40 -27.32
C PHE B 348 10.56 -1.25 -28.06
N HIS B 349 9.39 -1.43 -27.45
CA HIS B 349 8.27 -2.08 -28.11
C HIS B 349 7.86 -1.28 -29.36
N GLU B 350 7.67 0.02 -29.21
CA GLU B 350 7.35 0.86 -30.36
C GLU B 350 8.47 0.91 -31.39
N GLN B 351 9.71 0.70 -30.96
CA GLN B 351 10.84 0.70 -31.90
C GLN B 351 10.98 -0.63 -32.63
N GLY B 352 10.29 -1.66 -32.15
CA GLY B 352 10.41 -2.99 -32.74
C GLY B 352 11.64 -3.73 -32.23
N ASN B 353 12.18 -3.27 -31.11
CA ASN B 353 13.29 -3.97 -30.48
C ASN B 353 12.74 -4.93 -29.43
N LEU B 354 12.49 -6.17 -29.83
CA LEU B 354 11.81 -7.15 -28.98
C LEU B 354 12.63 -7.62 -27.80
N MET B 355 13.95 -7.76 -27.97
CA MET B 355 14.82 -8.23 -26.90
C MET B 355 14.86 -7.28 -25.70
N LEU B 356 15.19 -6.03 -26.00
CA LEU B 356 15.30 -4.99 -24.98
C LEU B 356 13.96 -4.71 -24.35
N SER B 357 12.93 -4.63 -25.19
CA SER B 357 11.55 -4.46 -24.73
C SER B 357 11.16 -5.56 -23.76
N ASN B 358 11.49 -6.80 -24.14
CA ASN B 358 11.23 -7.98 -23.32
C ASN B 358 11.98 -7.87 -22.00
N GLU B 359 13.26 -7.52 -22.08
CA GLU B 359 14.12 -7.44 -20.91
C GLU B 359 13.57 -6.44 -19.89
N TYR B 360 13.02 -5.34 -20.37
CA TYR B 360 12.54 -4.30 -19.45
C TYR B 360 11.13 -4.53 -18.91
N TYR B 361 10.27 -5.23 -19.65
CA TYR B 361 9.03 -5.66 -19.04
C TYR B 361 9.37 -6.64 -17.93
N ARG B 362 10.35 -7.50 -18.18
CA ARG B 362 10.75 -8.49 -17.18
C ARG B 362 11.29 -7.83 -15.90
N MET B 363 12.15 -6.83 -16.07
CA MET B 363 12.66 -6.04 -14.95
C MET B 363 11.50 -5.40 -14.19
N SER B 364 10.54 -4.87 -14.93
CA SER B 364 9.33 -4.29 -14.35
C SER B 364 8.62 -5.26 -13.41
N ILE B 365 8.51 -6.52 -13.82
CA ILE B 365 7.79 -7.52 -13.02
C ILE B 365 8.58 -7.79 -11.74
N GLU B 366 9.89 -7.92 -11.88
CA GLU B 366 10.75 -8.17 -10.74
C GLU B 366 10.69 -7.03 -9.73
N ALA B 367 10.59 -5.80 -10.21
CA ALA B 367 10.46 -4.64 -9.34
C ALA B 367 9.13 -4.66 -8.61
N ARG B 368 8.05 -4.96 -9.35
CA ARG B 368 6.71 -5.09 -8.78
C ARG B 368 6.68 -6.14 -7.67
N ARG B 369 7.41 -7.22 -7.87
CA ARG B 369 7.51 -8.26 -6.85
C ARG B 369 8.19 -7.74 -5.57
N LYS B 370 9.22 -6.93 -5.76
CA LYS B 370 9.98 -6.37 -4.66
C LYS B 370 9.10 -5.42 -3.86
N ILE B 371 8.25 -4.66 -4.55
CA ILE B 371 7.27 -3.82 -3.89
C ILE B 371 6.28 -4.65 -3.07
N LYS B 372 5.73 -5.71 -3.66
CA LYS B 372 4.79 -6.57 -2.93
C LYS B 372 5.42 -7.17 -1.67
N LYS B 373 6.70 -7.55 -1.77
CA LYS B 373 7.42 -8.13 -0.64
C LYS B 373 7.77 -7.07 0.41
N GLY B 374 7.41 -5.83 0.14
CA GLY B 374 7.55 -4.74 1.10
C GLY B 374 8.97 -4.22 1.27
N GLU B 375 9.72 -4.16 0.18
CA GLU B 375 11.15 -3.86 0.27
C GLU B 375 11.51 -2.41 -0.06
N ILE B 376 10.51 -1.60 -0.41
CA ILE B 376 10.72 -0.17 -0.61
C ILE B 376 11.06 0.56 0.69
N ILE B 377 12.07 1.43 0.65
CA ILE B 377 12.33 2.38 1.73
C ILE B 377 12.34 3.80 1.17
#